data_6PFM
#
_entry.id   6PFM
#
_cell.length_a   144.106
_cell.length_b   144.106
_cell.length_c   171.064
_cell.angle_alpha   90.000
_cell.angle_beta   90.000
_cell.angle_gamma   120.000
#
_symmetry.space_group_name_H-M   'H 3 2'
#
loop_
_entity.id
_entity.type
_entity.pdbx_description
1 polymer 'Estrogen receptor'
2 non-polymer (2S)-2-(4-{2-[3-(fluoromethyl)azetidin-1-yl]ethoxy}phenyl)-3-(3-hydroxyphenyl)-4-methyl-2H-1-benzopyran-6-ol
3 water water
#
_entity_poly.entity_id   1
_entity_poly.type   'polypeptide(L)'
_entity_poly.pdbx_seq_one_letter_code
;MHHHHHHSSGVDLGTENLYFQSNAIKRSKKNSLALSLTADQMVSALLDAEPPILYSEYDPTRPFSEASMMGLLTNLADRE
LVHMINWAKRVPGFVDLTSHDQVHLLECAWLEILMIGLVWRSMEHPGKLLFAPNLLLDRNQGKCVEGMVEIFDMLLATSS
RFRMMNLQGEEFVCLKSIILLNSGVYTFLSSTLKSLEEKDHIHRVLDKITDTLIHLMAKAGLTLQQQHQRLAQLLLILSH
IRHMSNKGMEHLYSMKCKNVVPSYDLLLEMLDAHRLHAPT
;
_entity_poly.pdbx_strand_id   D,A
#
loop_
_chem_comp.id
_chem_comp.type
_chem_comp.name
_chem_comp.formula
OGJ non-polymer (2S)-2-(4-{2-[3-(fluoromethyl)azetidin-1-yl]ethoxy}phenyl)-3-(3-hydroxyphenyl)-4-methyl-2H-1-benzopyran-6-ol 'C28 H28 F N O4'
#
# COMPACT_ATOMS: atom_id res chain seq x y z
N ALA A 34 -7.67 -7.68 -26.92
CA ALA A 34 -9.17 -7.53 -26.90
C ALA A 34 -9.67 -7.56 -25.45
N LEU A 35 -8.93 -6.93 -24.53
CA LEU A 35 -9.42 -6.44 -23.22
C LEU A 35 -9.65 -4.94 -23.33
N SER A 36 -9.65 -4.41 -24.55
CA SER A 36 -10.05 -3.01 -24.89
C SER A 36 -11.52 -3.00 -25.36
N LEU A 37 -12.39 -3.11 -24.36
CA LEU A 37 -13.87 -3.11 -24.40
C LEU A 37 -14.34 -1.85 -23.66
N THR A 38 -15.59 -1.44 -23.89
CA THR A 38 -16.21 -0.21 -23.31
C THR A 38 -16.14 -0.29 -21.78
N ALA A 39 -16.41 0.82 -21.09
CA ALA A 39 -16.37 0.87 -19.62
C ALA A 39 -17.50 -0.03 -19.07
N ASP A 40 -18.67 -0.03 -19.72
CA ASP A 40 -19.84 -0.85 -19.30
C ASP A 40 -19.54 -2.34 -19.52
N GLN A 41 -18.78 -2.68 -20.56
CA GLN A 41 -18.34 -4.07 -20.82
C GLN A 41 -17.37 -4.52 -19.72
N MET A 42 -16.41 -3.67 -19.35
CA MET A 42 -15.37 -4.01 -18.35
C MET A 42 -16.04 -4.29 -17.00
N VAL A 43 -16.97 -3.44 -16.55
CA VAL A 43 -17.70 -3.64 -15.26
C VAL A 43 -18.46 -4.96 -15.34
N SER A 44 -19.24 -5.16 -16.39
CA SER A 44 -20.06 -6.38 -16.62
C SER A 44 -19.17 -7.62 -16.48
N ALA A 45 -18.04 -7.63 -17.18
CA ALA A 45 -17.02 -8.71 -17.13
C ALA A 45 -16.59 -8.97 -15.68
N LEU A 46 -16.23 -7.92 -14.94
CA LEU A 46 -15.66 -8.06 -13.58
C LEU A 46 -16.73 -8.47 -12.57
N LEU A 47 -17.98 -8.04 -12.76
CA LEU A 47 -19.14 -8.41 -11.92
C LEU A 47 -19.41 -9.91 -12.07
N ASP A 48 -19.50 -10.38 -13.31
CA ASP A 48 -19.67 -11.80 -13.71
C ASP A 48 -18.65 -12.68 -13.00
N ALA A 49 -17.38 -12.27 -12.98
CA ALA A 49 -16.26 -13.11 -12.53
C ALA A 49 -16.31 -13.31 -11.01
N GLU A 50 -17.08 -12.49 -10.28
CA GLU A 50 -17.11 -12.51 -8.80
C GLU A 50 -17.24 -13.95 -8.32
N PRO A 51 -16.41 -14.41 -7.36
CA PRO A 51 -16.51 -15.78 -6.85
C PRO A 51 -17.70 -15.90 -5.91
N PRO A 52 -18.13 -17.13 -5.53
CA PRO A 52 -19.22 -17.30 -4.58
C PRO A 52 -18.78 -16.87 -3.17
N ILE A 53 -19.74 -16.49 -2.32
CA ILE A 53 -19.51 -16.26 -0.86
C ILE A 53 -19.65 -17.61 -0.14
N LEU A 54 -18.52 -18.15 0.31
CA LEU A 54 -18.42 -19.52 0.88
C LEU A 54 -18.98 -19.56 2.30
N TYR A 55 -19.25 -20.77 2.81
CA TYR A 55 -19.77 -21.03 4.18
C TYR A 55 -18.67 -21.72 4.99
N SER A 56 -18.67 -21.50 6.30
CA SER A 56 -17.74 -22.16 7.26
C SER A 56 -18.41 -23.44 7.76
N GLU A 57 -17.64 -24.39 8.29
CA GLU A 57 -18.20 -25.57 9.01
C GLU A 57 -18.06 -25.31 10.51
N TYR A 58 -18.32 -24.06 10.90
CA TYR A 58 -18.32 -23.51 12.28
C TYR A 58 -19.28 -24.34 13.16
N ASP A 59 -18.81 -24.75 14.33
CA ASP A 59 -19.52 -25.61 15.32
C ASP A 59 -19.95 -24.74 16.51
N PRO A 60 -21.22 -24.27 16.58
CA PRO A 60 -21.61 -23.24 17.53
C PRO A 60 -21.69 -23.72 18.99
N THR A 61 -21.54 -25.01 19.25
CA THR A 61 -21.78 -25.61 20.59
C THR A 61 -20.49 -25.55 21.41
N ARG A 62 -19.33 -25.92 20.82
CA ARG A 62 -17.99 -25.92 21.48
C ARG A 62 -17.40 -24.51 21.35
N PRO A 63 -16.97 -23.84 22.45
CA PRO A 63 -16.40 -22.50 22.37
C PRO A 63 -15.06 -22.51 21.61
N PHE A 64 -14.52 -21.35 21.27
CA PHE A 64 -13.28 -21.20 20.46
C PHE A 64 -12.03 -21.58 21.26
N SER A 65 -10.92 -21.73 20.55
CA SER A 65 -9.54 -21.85 21.08
C SER A 65 -8.57 -21.31 20.03
N GLU A 66 -7.34 -20.94 20.41
CA GLU A 66 -6.32 -20.43 19.45
C GLU A 66 -6.22 -21.42 18.29
N ALA A 67 -5.99 -22.69 18.62
CA ALA A 67 -5.76 -23.79 17.66
C ALA A 67 -6.99 -23.94 16.74
N SER A 68 -8.21 -23.94 17.30
CA SER A 68 -9.47 -24.26 16.59
C SER A 68 -9.89 -23.08 15.69
N MET A 69 -9.81 -21.85 16.20
CA MET A 69 -10.19 -20.63 15.44
C MET A 69 -9.24 -20.44 14.26
N MET A 70 -7.94 -20.66 14.47
CA MET A 70 -6.92 -20.55 13.39
C MET A 70 -7.17 -21.66 12.37
N GLY A 71 -7.46 -22.88 12.85
CA GLY A 71 -7.86 -24.04 12.01
C GLY A 71 -9.07 -23.73 11.14
N LEU A 72 -10.09 -23.09 11.74
CA LEU A 72 -11.34 -22.67 11.05
C LEU A 72 -10.96 -21.70 9.92
N LEU A 73 -10.34 -20.57 10.30
CA LEU A 73 -9.98 -19.46 9.38
C LEU A 73 -9.05 -19.97 8.28
N THR A 74 -8.10 -20.85 8.60
CA THR A 74 -7.14 -21.41 7.62
C THR A 74 -7.91 -22.20 6.56
N ASN A 75 -8.76 -23.14 6.98
CA ASN A 75 -9.64 -23.94 6.10
C ASN A 75 -10.44 -23.01 5.17
N LEU A 76 -11.05 -21.97 5.74
CA LEU A 76 -11.85 -20.98 4.98
C LEU A 76 -10.97 -20.34 3.91
N ALA A 77 -9.86 -19.74 4.33
CA ALA A 77 -8.91 -19.01 3.48
C ALA A 77 -8.41 -19.90 2.35
N ASP A 78 -8.12 -21.17 2.64
CA ASP A 78 -7.59 -22.13 1.63
C ASP A 78 -8.68 -22.43 0.61
N ARG A 79 -9.94 -22.48 1.03
N ARG A 79 -9.95 -22.48 1.04
CA ARG A 79 -11.12 -22.66 0.13
CA ARG A 79 -11.12 -22.66 0.15
C ARG A 79 -11.24 -21.42 -0.76
C ARG A 79 -11.24 -21.42 -0.76
N GLU A 80 -11.07 -20.22 -0.19
CA GLU A 80 -11.21 -18.94 -0.93
C GLU A 80 -10.11 -18.82 -1.99
N LEU A 81 -8.93 -19.35 -1.69
CA LEU A 81 -7.75 -19.30 -2.60
C LEU A 81 -8.04 -20.07 -3.88
N VAL A 82 -8.74 -21.20 -3.78
CA VAL A 82 -9.13 -22.05 -4.95
C VAL A 82 -10.10 -21.23 -5.82
N HIS A 83 -11.05 -20.54 -5.20
CA HIS A 83 -12.10 -19.77 -5.92
C HIS A 83 -11.48 -18.49 -6.50
N MET A 84 -10.46 -17.95 -5.85
CA MET A 84 -9.74 -16.73 -6.30
C MET A 84 -8.97 -16.99 -7.60
N ILE A 85 -8.36 -18.16 -7.74
CA ILE A 85 -7.63 -18.54 -8.98
C ILE A 85 -8.62 -18.58 -10.15
N ASN A 86 -9.79 -19.20 -9.95
CA ASN A 86 -10.88 -19.26 -10.97
C ASN A 86 -11.26 -17.84 -11.38
N TRP A 87 -11.43 -16.97 -10.40
CA TRP A 87 -11.76 -15.53 -10.61
C TRP A 87 -10.66 -14.89 -11.46
N ALA A 88 -9.41 -14.97 -10.98
CA ALA A 88 -8.23 -14.35 -11.63
C ALA A 88 -8.27 -14.62 -13.13
N LYS A 89 -8.67 -15.84 -13.51
CA LYS A 89 -8.61 -16.28 -14.91
C LYS A 89 -9.72 -15.60 -15.72
N ARG A 90 -10.75 -15.04 -15.10
CA ARG A 90 -11.85 -14.31 -15.79
C ARG A 90 -11.65 -12.78 -15.74
N VAL A 91 -10.61 -12.29 -15.05
CA VAL A 91 -10.27 -10.83 -15.02
C VAL A 91 -9.67 -10.46 -16.37
N PRO A 92 -10.24 -9.49 -17.12
CA PRO A 92 -9.73 -9.14 -18.44
C PRO A 92 -8.26 -8.72 -18.37
N GLY A 93 -7.46 -9.14 -19.36
CA GLY A 93 -6.03 -8.86 -19.43
C GLY A 93 -5.21 -9.97 -18.79
N PHE A 94 -5.64 -10.46 -17.62
CA PHE A 94 -4.86 -11.41 -16.79
C PHE A 94 -4.44 -12.60 -17.64
N VAL A 95 -5.39 -13.26 -18.31
CA VAL A 95 -5.15 -14.51 -19.10
C VAL A 95 -4.10 -14.23 -20.20
N ASP A 96 -4.02 -13.00 -20.71
CA ASP A 96 -3.12 -12.60 -21.83
C ASP A 96 -1.65 -12.76 -21.41
N LEU A 97 -1.35 -12.79 -20.10
CA LEU A 97 0.03 -12.84 -19.56
C LEU A 97 0.62 -14.25 -19.66
N THR A 98 1.95 -14.37 -19.49
CA THR A 98 2.71 -15.62 -19.26
C THR A 98 2.12 -16.32 -18.03
N SER A 99 2.29 -17.64 -17.91
CA SER A 99 1.86 -18.42 -16.72
C SER A 99 2.69 -17.99 -15.51
N HIS A 100 4.01 -17.96 -15.67
CA HIS A 100 4.99 -17.50 -14.63
C HIS A 100 4.51 -16.18 -14.04
N ASP A 101 4.00 -15.27 -14.89
CA ASP A 101 3.56 -13.90 -14.50
C ASP A 101 2.22 -13.96 -13.77
N GLN A 102 1.25 -14.71 -14.30
CA GLN A 102 -0.06 -14.94 -13.64
C GLN A 102 0.18 -15.50 -12.24
N VAL A 103 1.08 -16.47 -12.11
CA VAL A 103 1.46 -17.10 -10.81
C VAL A 103 2.02 -16.00 -9.88
N HIS A 104 2.96 -15.21 -10.41
CA HIS A 104 3.69 -14.16 -9.65
C HIS A 104 2.69 -13.13 -9.10
N LEU A 105 1.79 -12.61 -9.94
CA LEU A 105 0.79 -11.58 -9.55
C LEU A 105 -0.14 -12.14 -8.46
N LEU A 106 -0.50 -13.42 -8.51
CA LEU A 106 -1.36 -14.07 -7.50
C LEU A 106 -0.59 -14.28 -6.20
N GLU A 107 0.64 -14.77 -6.31
CA GLU A 107 1.56 -14.97 -5.16
C GLU A 107 1.68 -13.66 -4.39
N CYS A 108 1.67 -12.51 -5.07
CA CYS A 108 1.91 -11.16 -4.49
C CYS A 108 0.62 -10.51 -4.00
N ALA A 109 -0.53 -10.90 -4.56
CA ALA A 109 -1.83 -10.21 -4.38
C ALA A 109 -2.77 -11.00 -3.45
N TRP A 110 -2.52 -12.27 -3.17
CA TRP A 110 -3.60 -13.18 -2.70
C TRP A 110 -4.14 -12.69 -1.35
N LEU A 111 -3.30 -12.35 -0.38
CA LEU A 111 -3.80 -11.93 0.96
C LEU A 111 -4.48 -10.55 0.86
N GLU A 112 -3.98 -9.66 0.00
CA GLU A 112 -4.63 -8.35 -0.28
C GLU A 112 -6.08 -8.60 -0.73
N ILE A 113 -6.28 -9.54 -1.66
CA ILE A 113 -7.61 -9.82 -2.29
C ILE A 113 -8.54 -10.50 -1.28
N LEU A 114 -8.01 -11.45 -0.51
CA LEU A 114 -8.74 -12.05 0.64
C LEU A 114 -9.26 -10.93 1.54
N MET A 115 -8.45 -9.93 1.83
CA MET A 115 -8.78 -8.91 2.86
C MET A 115 -9.78 -7.90 2.31
N ILE A 116 -9.61 -7.44 1.07
CA ILE A 116 -10.58 -6.48 0.48
C ILE A 116 -11.92 -7.20 0.34
N GLY A 117 -11.91 -8.48 -0.05
CA GLY A 117 -13.11 -9.32 -0.08
C GLY A 117 -13.77 -9.38 1.29
N LEU A 118 -12.99 -9.68 2.33
CA LEU A 118 -13.46 -9.81 3.73
C LEU A 118 -14.09 -8.49 4.16
N VAL A 119 -13.43 -7.39 3.82
CA VAL A 119 -13.83 -6.01 4.23
C VAL A 119 -15.14 -5.65 3.52
N TRP A 120 -15.26 -6.02 2.25
CA TRP A 120 -16.44 -5.74 1.41
C TRP A 120 -17.67 -6.42 2.01
N ARG A 121 -17.58 -7.71 2.32
CA ARG A 121 -18.68 -8.50 2.94
C ARG A 121 -19.05 -7.95 4.31
N SER A 122 -18.14 -7.27 5.00
CA SER A 122 -18.30 -6.87 6.42
C SER A 122 -18.97 -5.50 6.51
N MET A 123 -19.17 -4.84 5.37
CA MET A 123 -19.72 -3.45 5.31
C MET A 123 -21.10 -3.40 5.98
N GLU A 124 -21.95 -4.40 5.72
CA GLU A 124 -23.35 -4.45 6.22
C GLU A 124 -23.39 -4.68 7.74
N HIS A 125 -22.27 -5.01 8.38
CA HIS A 125 -22.18 -5.49 9.79
C HIS A 125 -21.14 -4.67 10.58
N PRO A 126 -21.47 -3.42 10.99
CA PRO A 126 -20.57 -2.59 11.79
C PRO A 126 -19.99 -3.26 13.05
N GLY A 127 -18.68 -3.17 13.26
CA GLY A 127 -17.98 -3.69 14.45
C GLY A 127 -17.58 -5.14 14.30
N LYS A 128 -17.98 -5.77 13.20
CA LYS A 128 -17.83 -7.24 13.01
C LYS A 128 -17.22 -7.49 11.65
N LEU A 129 -16.55 -8.62 11.52
CA LEU A 129 -16.05 -9.14 10.22
C LEU A 129 -16.87 -10.39 9.86
N LEU A 130 -17.51 -10.36 8.69
CA LEU A 130 -18.24 -11.50 8.10
C LEU A 130 -17.25 -12.37 7.33
N PHE A 131 -16.51 -13.22 8.04
CA PHE A 131 -15.60 -14.24 7.43
C PHE A 131 -16.42 -15.17 6.54
N ALA A 132 -17.67 -15.41 6.92
CA ALA A 132 -18.66 -16.20 6.14
C ALA A 132 -20.04 -15.92 6.71
N PRO A 133 -21.14 -16.17 5.95
CA PRO A 133 -22.48 -15.74 6.38
C PRO A 133 -22.88 -16.29 7.76
N ASN A 134 -22.31 -17.43 8.18
CA ASN A 134 -22.56 -18.08 9.49
C ASN A 134 -21.34 -17.92 10.42
N LEU A 135 -20.39 -17.04 10.09
CA LEU A 135 -19.15 -16.82 10.89
C LEU A 135 -18.87 -15.31 10.94
N LEU A 136 -19.34 -14.70 12.02
CA LEU A 136 -19.33 -13.23 12.20
C LEU A 136 -18.61 -12.94 13.52
N LEU A 137 -17.34 -12.52 13.44
CA LEU A 137 -16.44 -12.27 14.59
C LEU A 137 -16.45 -10.76 14.91
N ASP A 138 -16.62 -10.40 16.18
CA ASP A 138 -16.34 -9.02 16.67
C ASP A 138 -14.85 -8.94 17.07
N ARG A 139 -14.36 -7.71 17.27
CA ARG A 139 -12.98 -7.38 17.70
C ARG A 139 -12.51 -8.29 18.84
N ASN A 140 -13.37 -8.52 19.85
CA ASN A 140 -13.02 -9.27 21.10
C ASN A 140 -12.71 -10.73 20.79
N GLN A 141 -13.39 -11.33 19.81
CA GLN A 141 -13.14 -12.73 19.38
C GLN A 141 -11.80 -12.81 18.65
N GLY A 142 -11.28 -11.69 18.14
CA GLY A 142 -9.91 -11.58 17.62
C GLY A 142 -8.87 -11.97 18.64
N LYS A 143 -9.07 -11.57 19.91
CA LYS A 143 -8.10 -11.79 21.02
C LYS A 143 -7.89 -13.29 21.27
N CYS A 144 -8.79 -14.16 20.80
CA CYS A 144 -8.67 -15.64 20.91
C CYS A 144 -7.43 -16.15 20.15
N VAL A 145 -6.70 -15.29 19.44
CA VAL A 145 -5.40 -15.61 18.77
C VAL A 145 -4.39 -14.50 19.12
N GLU A 146 -3.25 -14.87 19.73
CA GLU A 146 -2.16 -13.94 20.11
C GLU A 146 -1.86 -13.01 18.92
N GLY A 147 -2.03 -11.70 19.11
CA GLY A 147 -1.63 -10.64 18.14
C GLY A 147 -2.45 -10.66 16.87
N MET A 148 -3.65 -11.22 16.91
CA MET A 148 -4.59 -11.21 15.76
C MET A 148 -5.45 -9.94 15.83
N VAL A 149 -5.68 -9.42 17.04
CA VAL A 149 -6.51 -8.20 17.27
C VAL A 149 -5.96 -7.05 16.42
N GLU A 150 -4.63 -6.95 16.32
CA GLU A 150 -3.93 -5.86 15.57
C GLU A 150 -4.50 -5.83 14.14
N ILE A 151 -4.57 -6.99 13.48
CA ILE A 151 -5.04 -7.10 12.06
C ILE A 151 -6.57 -6.92 12.04
N PHE A 152 -7.31 -7.41 13.02
CA PHE A 152 -8.79 -7.25 13.08
C PHE A 152 -9.16 -5.78 13.09
N ASP A 153 -8.56 -5.01 14.01
CA ASP A 153 -8.83 -3.56 14.17
C ASP A 153 -8.63 -2.86 12.83
N MET A 154 -7.62 -3.30 12.06
CA MET A 154 -7.24 -2.65 10.78
C MET A 154 -8.33 -2.97 9.75
N LEU A 155 -8.67 -4.25 9.63
CA LEU A 155 -9.75 -4.74 8.72
C LEU A 155 -11.07 -4.05 9.09
N LEU A 156 -11.40 -3.95 10.39
CA LEU A 156 -12.62 -3.26 10.90
C LEU A 156 -12.61 -1.80 10.46
N ALA A 157 -11.50 -1.11 10.71
CA ALA A 157 -11.29 0.31 10.32
C ALA A 157 -11.55 0.46 8.82
N THR A 158 -10.95 -0.40 7.99
CA THR A 158 -11.05 -0.35 6.50
C THR A 158 -12.51 -0.53 6.10
N SER A 159 -13.22 -1.41 6.83
CA SER A 159 -14.67 -1.68 6.66
C SER A 159 -15.44 -0.39 6.93
N SER A 160 -15.24 0.18 8.11
CA SER A 160 -15.84 1.47 8.51
C SER A 160 -15.63 2.51 7.41
N ARG A 161 -14.43 2.53 6.82
CA ARG A 161 -14.02 3.58 5.84
C ARG A 161 -14.89 3.42 4.59
N PHE A 162 -14.83 2.26 3.94
CA PHE A 162 -15.66 1.90 2.75
C PHE A 162 -17.14 2.22 2.99
N ARG A 163 -17.61 2.03 4.22
CA ARG A 163 -19.04 2.27 4.56
C ARG A 163 -19.31 3.76 4.44
N MET A 164 -18.58 4.58 5.19
CA MET A 164 -18.70 6.06 5.18
C MET A 164 -18.44 6.63 3.77
N MET A 165 -17.58 5.98 2.97
CA MET A 165 -17.34 6.35 1.54
C MET A 165 -18.56 5.99 0.70
N ASN A 166 -19.34 4.99 1.10
CA ASN A 166 -20.48 4.45 0.32
C ASN A 166 -19.90 3.76 -0.92
N LEU A 167 -18.85 2.95 -0.76
CA LEU A 167 -18.21 2.19 -1.86
C LEU A 167 -19.26 1.34 -2.53
N GLN A 168 -19.44 1.51 -3.83
CA GLN A 168 -20.37 0.71 -4.68
C GLN A 168 -19.68 -0.57 -5.14
N GLY A 169 -20.44 -1.64 -5.36
CA GLY A 169 -19.95 -2.95 -5.81
C GLY A 169 -19.23 -2.87 -7.15
N GLU A 170 -19.58 -1.92 -8.01
CA GLU A 170 -18.89 -1.74 -9.32
C GLU A 170 -17.48 -1.21 -9.06
N GLU A 171 -17.36 -0.24 -8.13
CA GLU A 171 -16.06 0.29 -7.64
C GLU A 171 -15.26 -0.86 -7.03
N PHE A 172 -15.89 -1.69 -6.21
CA PHE A 172 -15.23 -2.79 -5.47
C PHE A 172 -14.51 -3.71 -6.45
N VAL A 173 -15.20 -4.13 -7.52
CA VAL A 173 -14.66 -5.16 -8.45
C VAL A 173 -13.45 -4.58 -9.19
N CYS A 174 -13.49 -3.29 -9.55
CA CYS A 174 -12.37 -2.56 -10.19
C CYS A 174 -11.14 -2.57 -9.26
N LEU A 175 -11.31 -2.24 -7.98
CA LEU A 175 -10.21 -2.24 -6.96
C LEU A 175 -9.59 -3.64 -6.86
N LYS A 176 -10.40 -4.68 -6.71
CA LYS A 176 -9.93 -6.09 -6.65
C LYS A 176 -8.98 -6.35 -7.82
N SER A 177 -9.35 -5.93 -9.03
CA SER A 177 -8.58 -6.18 -10.28
C SER A 177 -7.29 -5.36 -10.29
N ILE A 178 -7.36 -4.10 -9.85
CA ILE A 178 -6.17 -3.23 -9.68
C ILE A 178 -5.18 -3.94 -8.74
N ILE A 179 -5.65 -4.40 -7.58
CA ILE A 179 -4.78 -5.08 -6.56
C ILE A 179 -4.07 -6.27 -7.21
N LEU A 180 -4.77 -7.04 -8.03
CA LEU A 180 -4.17 -8.24 -8.67
C LEU A 180 -3.07 -7.78 -9.63
N LEU A 181 -3.41 -6.86 -10.54
CA LEU A 181 -2.50 -6.42 -11.62
C LEU A 181 -1.35 -5.55 -11.07
N ASN A 182 -1.63 -4.71 -10.07
CA ASN A 182 -0.68 -3.67 -9.60
C ASN A 182 0.39 -4.26 -8.68
N SER A 183 0.05 -5.22 -7.84
CA SER A 183 0.85 -5.53 -6.62
C SER A 183 2.08 -6.38 -6.95
N GLY A 184 2.11 -7.06 -8.08
CA GLY A 184 3.27 -7.87 -8.47
C GLY A 184 4.15 -7.15 -9.48
N VAL A 185 3.62 -6.11 -10.13
CA VAL A 185 4.14 -5.54 -11.42
C VAL A 185 5.53 -4.91 -11.23
N TYR A 186 5.87 -4.41 -10.03
CA TYR A 186 7.14 -3.66 -9.75
C TYR A 186 8.31 -4.63 -9.56
N THR A 187 8.06 -5.94 -9.47
CA THR A 187 9.11 -7.01 -9.41
C THR A 187 9.00 -7.88 -10.68
N THR A 192 14.41 -8.56 -20.71
CA THR A 192 14.05 -9.12 -22.04
C THR A 192 12.89 -8.32 -22.64
N LEU A 193 12.77 -8.34 -23.98
CA LEU A 193 11.70 -7.67 -24.77
C LEU A 193 10.32 -8.15 -24.27
N LYS A 194 10.20 -9.45 -23.98
CA LYS A 194 8.94 -10.11 -23.54
C LYS A 194 8.44 -9.47 -22.25
N SER A 195 9.24 -9.49 -21.18
CA SER A 195 8.92 -9.01 -19.82
C SER A 195 8.49 -7.53 -19.85
N LEU A 196 9.07 -6.74 -20.76
CA LEU A 196 8.75 -5.30 -20.97
C LEU A 196 7.33 -5.16 -21.56
N GLU A 197 7.04 -5.92 -22.62
CA GLU A 197 5.72 -5.93 -23.31
C GLU A 197 4.62 -6.37 -22.33
N GLU A 198 4.97 -7.21 -21.34
CA GLU A 198 4.04 -7.74 -20.31
C GLU A 198 3.72 -6.67 -19.26
N LYS A 199 4.75 -6.00 -18.73
CA LYS A 199 4.59 -4.82 -17.83
C LYS A 199 3.72 -3.76 -18.53
N ASP A 200 4.02 -3.49 -19.79
CA ASP A 200 3.33 -2.48 -20.63
C ASP A 200 1.87 -2.89 -20.83
N HIS A 201 1.59 -4.17 -21.03
CA HIS A 201 0.22 -4.72 -21.18
C HIS A 201 -0.53 -4.52 -19.86
N ILE A 202 0.08 -4.89 -18.73
CA ILE A 202 -0.52 -4.70 -17.38
C ILE A 202 -0.84 -3.21 -17.19
N HIS A 203 0.05 -2.31 -17.60
CA HIS A 203 -0.14 -0.85 -17.37
C HIS A 203 -1.28 -0.36 -18.27
N ARG A 204 -1.39 -0.86 -19.50
CA ARG A 204 -2.51 -0.53 -20.43
C ARG A 204 -3.85 -0.92 -19.79
N VAL A 205 -3.90 -2.04 -19.06
CA VAL A 205 -5.16 -2.59 -18.46
C VAL A 205 -5.54 -1.74 -17.24
N LEU A 206 -4.57 -1.41 -16.39
CA LEU A 206 -4.78 -0.53 -15.23
C LEU A 206 -5.33 0.81 -15.71
N ASP A 207 -4.83 1.33 -16.84
CA ASP A 207 -5.35 2.56 -17.47
C ASP A 207 -6.84 2.36 -17.81
N LYS A 208 -7.19 1.25 -18.45
CA LYS A 208 -8.59 0.90 -18.81
C LYS A 208 -9.46 0.88 -17.54
N ILE A 209 -8.97 0.27 -16.46
CA ILE A 209 -9.75 0.12 -15.20
C ILE A 209 -9.92 1.49 -14.53
N THR A 210 -8.87 2.31 -14.52
CA THR A 210 -8.96 3.74 -14.11
C THR A 210 -10.10 4.42 -14.87
N ASP A 211 -10.05 4.34 -16.20
CA ASP A 211 -11.08 4.91 -17.11
C ASP A 211 -12.46 4.41 -16.67
N THR A 212 -12.57 3.13 -16.29
CA THR A 212 -13.85 2.50 -15.90
C THR A 212 -14.33 3.13 -14.58
N LEU A 213 -13.47 3.15 -13.57
CA LEU A 213 -13.76 3.78 -12.26
C LEU A 213 -14.32 5.20 -12.45
N ILE A 214 -13.70 6.00 -13.32
CA ILE A 214 -14.11 7.41 -13.53
C ILE A 214 -15.49 7.42 -14.19
N HIS A 215 -15.69 6.53 -15.16
CA HIS A 215 -16.97 6.38 -15.91
C HIS A 215 -18.12 6.15 -14.90
N LEU A 216 -17.90 5.24 -13.96
CA LEU A 216 -18.85 4.90 -12.87
C LEU A 216 -19.14 6.15 -12.05
N MET A 217 -18.11 6.90 -11.70
CA MET A 217 -18.24 8.13 -10.85
C MET A 217 -18.98 9.23 -11.63
N ALA A 218 -18.65 9.43 -12.90
CA ALA A 218 -19.35 10.35 -13.84
C ALA A 218 -20.84 10.00 -13.87
N LYS A 219 -21.13 8.73 -14.13
CA LYS A 219 -22.50 8.16 -14.27
C LYS A 219 -23.26 8.38 -12.97
N ALA A 220 -22.61 8.22 -11.81
CA ALA A 220 -23.21 8.39 -10.47
C ALA A 220 -23.42 9.87 -10.18
N GLY A 221 -22.93 10.74 -11.07
CA GLY A 221 -23.27 12.19 -11.10
C GLY A 221 -22.38 13.01 -10.20
N LEU A 222 -21.14 12.57 -9.90
CA LEU A 222 -20.14 13.38 -9.16
C LEU A 222 -19.57 14.40 -10.15
N THR A 223 -19.25 15.60 -9.67
CA THR A 223 -18.51 16.65 -10.43
C THR A 223 -17.13 16.09 -10.80
N LEU A 224 -16.43 16.74 -11.74
CA LEU A 224 -15.08 16.29 -12.15
C LEU A 224 -14.17 16.29 -10.92
N GLN A 225 -14.22 17.35 -10.11
CA GLN A 225 -13.39 17.45 -8.88
C GLN A 225 -13.66 16.23 -7.98
N GLN A 226 -14.93 15.92 -7.73
CA GLN A 226 -15.32 14.81 -6.82
C GLN A 226 -14.86 13.48 -7.43
N GLN A 227 -14.84 13.36 -8.76
CA GLN A 227 -14.37 12.15 -9.47
C GLN A 227 -12.89 11.93 -9.14
N HIS A 228 -12.04 12.93 -9.39
CA HIS A 228 -10.56 12.80 -9.19
C HIS A 228 -10.30 12.55 -7.69
N GLN A 229 -11.04 13.24 -6.82
CA GLN A 229 -10.85 13.16 -5.35
C GLN A 229 -11.27 11.78 -4.86
N ARG A 230 -12.34 11.19 -5.39
CA ARG A 230 -12.80 9.86 -4.95
C ARG A 230 -11.84 8.81 -5.50
N LEU A 231 -11.43 8.93 -6.78
CA LEU A 231 -10.42 8.03 -7.38
C LEU A 231 -9.19 8.03 -6.47
N ALA A 232 -8.72 9.21 -6.06
CA ALA A 232 -7.54 9.36 -5.19
C ALA A 232 -7.79 8.68 -3.83
N GLN A 233 -8.93 8.92 -3.18
CA GLN A 233 -9.26 8.34 -1.85
C GLN A 233 -9.24 6.80 -1.96
N LEU A 234 -9.73 6.24 -3.06
CA LEU A 234 -9.82 4.78 -3.27
C LEU A 234 -8.42 4.20 -3.42
N LEU A 235 -7.57 4.82 -4.25
CA LEU A 235 -6.21 4.28 -4.54
C LEU A 235 -5.33 4.43 -3.29
N LEU A 236 -5.55 5.45 -2.47
CA LEU A 236 -4.79 5.62 -1.21
C LEU A 236 -5.14 4.49 -0.23
N ILE A 237 -6.36 3.97 -0.28
CA ILE A 237 -6.83 2.85 0.60
C ILE A 237 -6.10 1.57 0.20
N LEU A 238 -5.87 1.33 -1.11
CA LEU A 238 -5.07 0.18 -1.61
C LEU A 238 -3.71 0.14 -0.91
N SER A 239 -3.19 1.30 -0.51
CA SER A 239 -1.89 1.37 0.21
C SER A 239 -2.10 0.87 1.63
N HIS A 240 -3.20 1.19 2.30
CA HIS A 240 -3.49 0.66 3.66
C HIS A 240 -3.74 -0.84 3.59
N ILE A 241 -4.25 -1.31 2.45
CA ILE A 241 -4.59 -2.74 2.26
C ILE A 241 -3.29 -3.50 2.02
N ARG A 242 -2.34 -2.90 1.30
CA ARG A 242 -0.97 -3.45 1.11
C ARG A 242 -0.28 -3.55 2.47
N HIS A 243 -0.44 -2.55 3.34
CA HIS A 243 0.13 -2.53 4.71
C HIS A 243 -0.51 -3.63 5.56
N MET A 244 -1.84 -3.66 5.62
CA MET A 244 -2.63 -4.70 6.33
C MET A 244 -2.17 -6.10 5.88
N SER A 245 -1.95 -6.29 4.58
CA SER A 245 -1.46 -7.58 4.02
C SER A 245 -0.10 -7.92 4.60
N ASN A 246 0.88 -7.03 4.48
CA ASN A 246 2.28 -7.27 4.93
C ASN A 246 2.27 -7.63 6.41
N LYS A 247 1.46 -6.92 7.23
CA LYS A 247 1.31 -7.20 8.69
C LYS A 247 0.71 -8.59 8.86
N GLY A 248 -0.41 -8.85 8.19
CA GLY A 248 -1.06 -10.17 8.19
C GLY A 248 -0.06 -11.24 7.83
N MET A 249 0.73 -11.02 6.78
CA MET A 249 1.68 -12.04 6.29
C MET A 249 2.73 -12.30 7.37
N GLU A 250 3.21 -11.23 8.03
CA GLU A 250 4.22 -11.30 9.13
C GLU A 250 3.62 -12.09 10.28
N HIS A 251 2.31 -11.95 10.50
CA HIS A 251 1.56 -12.64 11.60
C HIS A 251 1.42 -14.13 11.29
N LEU A 252 0.98 -14.48 10.08
CA LEU A 252 0.82 -15.89 9.62
C LEU A 252 2.17 -16.61 9.76
N TYR A 253 3.28 -15.96 9.44
CA TYR A 253 4.62 -16.60 9.48
C TYR A 253 4.99 -16.88 10.94
N SER A 254 4.65 -15.98 11.86
CA SER A 254 5.00 -16.09 13.30
C SER A 254 4.21 -17.25 13.93
N MET A 255 3.08 -17.65 13.34
CA MET A 255 2.21 -18.74 13.82
C MET A 255 2.75 -20.10 13.36
N LYS A 256 3.27 -20.18 12.13
CA LYS A 256 3.93 -21.40 11.59
C LYS A 256 5.21 -21.64 12.40
N CYS A 257 6.02 -20.58 12.56
CA CYS A 257 7.26 -20.58 13.38
C CYS A 257 6.99 -21.14 14.78
N LYS A 258 5.89 -20.70 15.41
CA LYS A 258 5.54 -21.03 16.81
C LYS A 258 4.75 -22.35 16.86
N ASN A 259 5.08 -23.31 15.99
CA ASN A 259 4.66 -24.74 16.07
C ASN A 259 5.81 -25.65 15.65
N VAL A 260 7.06 -25.20 15.84
CA VAL A 260 8.28 -26.06 15.77
C VAL A 260 8.36 -26.82 17.09
N VAL A 261 7.20 -27.03 17.74
CA VAL A 261 7.08 -27.39 19.18
C VAL A 261 5.71 -28.03 19.43
N PRO A 262 5.64 -29.16 20.16
CA PRO A 262 4.37 -29.78 20.53
C PRO A 262 3.33 -28.77 21.07
N SER A 263 2.06 -29.07 20.85
CA SER A 263 0.89 -28.33 21.41
C SER A 263 0.41 -29.05 22.67
N TYR A 264 -0.55 -28.43 23.37
CA TYR A 264 -1.29 -29.01 24.53
C TYR A 264 -2.24 -30.10 24.00
N ASP A 265 -3.10 -29.69 23.06
CA ASP A 265 -4.11 -30.53 22.34
C ASP A 265 -3.43 -31.81 21.87
N LEU A 266 -2.28 -31.67 21.20
CA LEU A 266 -1.44 -32.76 20.64
C LEU A 266 -1.01 -33.71 21.78
N LEU A 267 -0.28 -33.18 22.77
CA LEU A 267 0.35 -33.99 23.86
C LEU A 267 -0.74 -34.64 24.73
N LEU A 268 -1.92 -34.01 24.82
CA LEU A 268 -3.11 -34.56 25.53
C LEU A 268 -3.42 -35.97 25.02
N GLU A 269 -3.76 -36.09 23.73
CA GLU A 269 -4.31 -37.32 23.09
C GLU A 269 -3.35 -38.51 23.26
N MET A 270 -2.04 -38.26 23.16
CA MET A 270 -0.98 -39.31 23.10
C MET A 270 -0.89 -40.09 24.43
N LEU A 271 -1.42 -39.53 25.53
CA LEU A 271 -1.57 -40.22 26.85
C LEU A 271 -2.97 -40.84 26.95
N ASP A 272 -3.91 -40.36 26.13
CA ASP A 272 -5.37 -40.54 26.27
C ASP A 272 -5.92 -41.25 25.02
N ALA B 34 -5.43 27.55 6.55
CA ALA B 34 -4.62 27.45 5.29
C ALA B 34 -4.98 26.16 4.53
N LEU B 35 -6.28 25.90 4.35
CA LEU B 35 -6.86 25.04 3.28
C LEU B 35 -7.38 25.96 2.16
N SER B 36 -7.04 27.25 2.21
CA SER B 36 -7.50 28.32 1.29
C SER B 36 -6.49 28.49 0.14
N LEU B 37 -5.43 27.66 0.14
CA LEU B 37 -4.26 27.78 -0.76
C LEU B 37 -4.65 27.34 -2.17
N THR B 38 -4.48 28.20 -3.18
CA THR B 38 -4.61 27.86 -4.62
C THR B 38 -3.66 26.70 -4.94
N ALA B 39 -3.80 26.07 -6.10
CA ALA B 39 -2.95 24.93 -6.50
C ALA B 39 -1.51 25.43 -6.67
N ASP B 40 -1.33 26.63 -7.22
CA ASP B 40 0.00 27.24 -7.47
C ASP B 40 0.67 27.56 -6.12
N GLN B 41 -0.13 27.99 -5.13
CA GLN B 41 0.38 28.27 -3.76
C GLN B 41 0.83 26.97 -3.09
N MET B 42 0.05 25.90 -3.20
CA MET B 42 0.33 24.61 -2.54
C MET B 42 1.67 24.05 -3.08
N VAL B 43 1.87 24.04 -4.40
CA VAL B 43 3.14 23.51 -5.00
C VAL B 43 4.30 24.38 -4.52
N SER B 44 4.17 25.71 -4.60
CA SER B 44 5.22 26.68 -4.18
C SER B 44 5.61 26.41 -2.72
N ALA B 45 4.62 26.26 -1.83
CA ALA B 45 4.81 25.92 -0.40
C ALA B 45 5.65 24.66 -0.26
N LEU B 46 5.30 23.59 -0.98
CA LEU B 46 5.92 22.26 -0.83
C LEU B 46 7.33 22.26 -1.44
N LEU B 47 7.57 23.03 -2.50
CA LEU B 47 8.90 23.16 -3.15
C LEU B 47 9.87 23.85 -2.18
N ASP B 48 9.42 24.98 -1.62
CA ASP B 48 10.13 25.77 -0.57
C ASP B 48 10.59 24.85 0.57
N ALA B 49 9.72 23.97 1.06
CA ALA B 49 9.95 23.17 2.29
C ALA B 49 11.00 22.08 2.04
N GLU B 50 11.34 21.79 0.78
CA GLU B 50 12.31 20.72 0.41
C GLU B 50 13.52 20.84 1.32
N PRO B 51 14.00 19.74 1.94
CA PRO B 51 15.20 19.80 2.78
C PRO B 51 16.43 19.91 1.89
N PRO B 52 17.62 20.22 2.44
CA PRO B 52 18.86 20.12 1.68
C PRO B 52 19.19 18.65 1.37
N ILE B 53 19.98 18.37 0.32
CA ILE B 53 20.47 16.99 0.02
C ILE B 53 21.76 16.77 0.85
N LEU B 54 21.65 15.94 1.90
CA LEU B 54 22.61 15.83 3.02
C LEU B 54 23.86 15.08 2.56
N TYR B 55 24.93 15.23 3.35
CA TYR B 55 26.26 14.61 3.10
C TYR B 55 26.47 13.48 4.12
N SER B 56 27.06 12.39 3.65
CA SER B 56 27.48 11.24 4.49
C SER B 56 28.87 11.55 5.06
N GLU B 57 29.17 10.96 6.22
N GLU B 57 29.17 10.95 6.22
CA GLU B 57 30.50 11.05 6.88
CA GLU B 57 30.50 11.00 6.90
C GLU B 57 31.46 10.08 6.19
C GLU B 57 31.50 10.13 6.16
N TYR B 58 31.18 9.73 4.91
CA TYR B 58 31.95 8.74 4.12
C TYR B 58 33.41 9.20 4.01
N ASP B 59 34.30 8.30 4.42
CA ASP B 59 35.77 8.53 4.51
C ASP B 59 36.44 7.65 3.47
N PRO B 60 36.81 8.17 2.27
CA PRO B 60 37.33 7.33 1.20
C PRO B 60 38.70 6.70 1.49
N THR B 61 39.17 6.79 2.74
CA THR B 61 40.49 6.29 3.20
C THR B 61 40.27 5.37 4.43
N ARG B 62 39.48 4.32 4.22
CA ARG B 62 39.07 3.28 5.21
C ARG B 62 38.08 2.37 4.50
N PRO B 63 38.47 1.13 4.09
CA PRO B 63 37.65 0.27 3.22
C PRO B 63 36.20 0.02 3.68
N PHE B 64 35.39 -0.59 2.80
CA PHE B 64 33.99 -0.98 3.13
C PHE B 64 33.98 -2.17 4.10
N SER B 65 32.85 -2.31 4.80
CA SER B 65 32.59 -3.33 5.83
C SER B 65 31.07 -3.42 6.00
N GLU B 66 30.52 -4.59 6.34
CA GLU B 66 29.09 -4.70 6.74
C GLU B 66 28.84 -3.66 7.83
N ALA B 67 29.66 -3.70 8.87
CA ALA B 67 29.58 -2.83 10.07
C ALA B 67 29.65 -1.36 9.66
N SER B 68 30.60 -0.99 8.79
CA SER B 68 30.94 0.41 8.44
C SER B 68 29.87 0.99 7.50
N MET B 69 29.45 0.24 6.48
CA MET B 69 28.41 0.69 5.51
C MET B 69 27.07 0.89 6.22
N MET B 70 26.70 -0.03 7.12
CA MET B 70 25.45 0.10 7.89
C MET B 70 25.57 1.28 8.86
N GLY B 71 26.73 1.45 9.48
CA GLY B 71 27.06 2.61 10.33
C GLY B 71 26.92 3.92 9.57
N LEU B 72 27.42 3.96 8.33
CA LEU B 72 27.33 5.13 7.41
C LEU B 72 25.87 5.45 7.18
N LEU B 73 25.13 4.48 6.62
CA LEU B 73 23.71 4.61 6.23
C LEU B 73 22.87 5.01 7.45
N THR B 74 23.13 4.43 8.62
CA THR B 74 22.37 4.73 9.87
C THR B 74 22.57 6.20 10.22
N ASN B 75 23.83 6.66 10.32
CA ASN B 75 24.22 8.07 10.59
C ASN B 75 23.48 8.99 9.61
N LEU B 76 23.51 8.66 8.32
CA LEU B 76 22.86 9.46 7.24
C LEU B 76 21.37 9.56 7.55
N ALA B 77 20.70 8.42 7.68
CA ALA B 77 19.23 8.29 7.90
C ALA B 77 18.82 9.07 9.16
N ASP B 78 19.63 9.01 10.23
CA ASP B 78 19.31 9.68 11.52
C ASP B 78 19.42 11.20 11.31
N ARG B 79 20.36 11.64 10.46
CA ARG B 79 20.54 13.07 10.10
C ARG B 79 19.33 13.50 9.28
N GLU B 80 18.87 12.66 8.33
CA GLU B 80 17.72 12.95 7.45
C GLU B 80 16.44 13.06 8.29
N LEU B 81 16.34 12.32 9.39
CA LEU B 81 15.13 12.31 10.26
C LEU B 81 14.96 13.69 10.90
N VAL B 82 16.06 14.34 11.28
CA VAL B 82 16.04 15.72 11.85
C VAL B 82 15.55 16.70 10.77
N HIS B 83 16.03 16.55 9.53
CA HIS B 83 15.65 17.41 8.38
C HIS B 83 14.20 17.14 7.95
N MET B 84 13.74 15.90 8.10
CA MET B 84 12.37 15.47 7.74
C MET B 84 11.36 16.15 8.68
N ILE B 85 11.66 16.26 9.98
CA ILE B 85 10.75 16.90 10.96
C ILE B 85 10.59 18.38 10.59
N ASN B 86 11.69 19.06 10.25
CA ASN B 86 11.69 20.48 9.80
C ASN B 86 10.76 20.61 8.59
N TRP B 87 10.92 19.71 7.63
CA TRP B 87 10.09 19.65 6.40
C TRP B 87 8.62 19.45 6.79
N ALA B 88 8.33 18.38 7.53
CA ALA B 88 6.97 17.99 7.96
C ALA B 88 6.24 19.23 8.48
N LYS B 89 6.92 20.10 9.21
CA LYS B 89 6.29 21.27 9.87
C LYS B 89 5.90 22.31 8.80
N ARG B 90 6.52 22.28 7.62
CA ARG B 90 6.25 23.26 6.54
C ARG B 90 5.31 22.65 5.47
N VAL B 91 4.90 21.39 5.62
CA VAL B 91 3.83 20.77 4.80
C VAL B 91 2.50 21.38 5.25
N PRO B 92 1.73 22.02 4.35
CA PRO B 92 0.47 22.66 4.73
C PRO B 92 -0.48 21.67 5.40
N GLY B 93 -1.18 22.10 6.46
CA GLY B 93 -2.08 21.26 7.24
C GLY B 93 -1.38 20.63 8.43
N PHE B 94 -0.15 20.13 8.25
CA PHE B 94 0.54 19.27 9.24
C PHE B 94 0.54 19.97 10.61
N VAL B 95 1.02 21.22 10.67
CA VAL B 95 1.16 21.98 11.94
C VAL B 95 -0.19 22.11 12.65
N ASP B 96 -1.30 22.12 11.89
CA ASP B 96 -2.68 22.32 12.43
C ASP B 96 -3.06 21.17 13.35
N LEU B 97 -2.40 20.01 13.24
CA LEU B 97 -2.73 18.78 14.01
C LEU B 97 -2.19 18.88 15.45
N THR B 98 -2.68 18.01 16.36
CA THR B 98 -2.11 17.83 17.71
C THR B 98 -0.69 17.26 17.54
N SER B 99 0.13 17.37 18.59
CA SER B 99 1.50 16.80 18.65
C SER B 99 1.42 15.28 18.52
N HIS B 100 0.57 14.64 19.36
CA HIS B 100 0.33 13.19 19.37
C HIS B 100 0.13 12.69 17.94
N ASP B 101 -0.62 13.44 17.13
CA ASP B 101 -1.02 13.06 15.74
C ASP B 101 0.17 13.27 14.79
N GLN B 102 0.83 14.43 14.89
CA GLN B 102 2.07 14.72 14.09
C GLN B 102 3.08 13.61 14.33
N VAL B 103 3.26 13.21 15.60
CA VAL B 103 4.18 12.11 16.02
C VAL B 103 3.74 10.81 15.35
N HIS B 104 2.45 10.50 15.41
CA HIS B 104 1.86 9.23 14.92
C HIS B 104 2.10 9.11 13.41
N LEU B 105 1.81 10.17 12.65
CA LEU B 105 1.99 10.22 11.18
C LEU B 105 3.47 10.00 10.82
N LEU B 106 4.39 10.56 11.59
CA LEU B 106 5.86 10.46 11.35
C LEU B 106 6.33 9.05 11.72
N GLU B 107 5.87 8.53 12.86
CA GLU B 107 6.17 7.15 13.33
C GLU B 107 5.85 6.17 12.20
N CYS B 108 4.77 6.40 11.46
CA CYS B 108 4.24 5.46 10.42
C CYS B 108 4.85 5.72 9.03
N ALA B 109 5.30 6.95 8.76
CA ALA B 109 5.66 7.41 7.40
C ALA B 109 7.17 7.56 7.21
N TRP B 110 7.99 7.53 8.27
CA TRP B 110 9.39 8.02 8.21
C TRP B 110 10.20 7.23 7.17
N LEU B 111 10.14 5.90 7.18
CA LEU B 111 10.96 5.08 6.26
C LEU B 111 10.40 5.21 4.83
N GLU B 112 9.08 5.33 4.68
CA GLU B 112 8.46 5.60 3.36
C GLU B 112 9.09 6.86 2.76
N ILE B 113 9.21 7.93 3.55
CA ILE B 113 9.67 9.27 3.07
C ILE B 113 11.17 9.21 2.78
N LEU B 114 11.96 8.57 3.65
CA LEU B 114 13.38 8.26 3.37
C LEU B 114 13.51 7.60 1.99
N MET B 115 12.65 6.64 1.69
CA MET B 115 12.81 5.79 0.48
C MET B 115 12.37 6.55 -0.77
N ILE B 116 11.25 7.28 -0.72
CA ILE B 116 10.78 8.05 -1.91
C ILE B 116 11.82 9.15 -2.17
N GLY B 117 12.35 9.77 -1.11
CA GLY B 117 13.46 10.73 -1.21
C GLY B 117 14.64 10.10 -1.92
N LEU B 118 15.06 8.93 -1.45
CA LEU B 118 16.22 8.18 -1.98
C LEU B 118 15.98 7.86 -3.45
N VAL B 119 14.77 7.43 -3.76
CA VAL B 119 14.37 6.97 -5.13
C VAL B 119 14.38 8.18 -6.07
N TRP B 120 13.88 9.33 -5.61
CA TRP B 120 13.81 10.59 -6.40
C TRP B 120 15.21 11.02 -6.80
N ARG B 121 16.15 11.07 -5.83
CA ARG B 121 17.56 11.48 -6.05
C ARG B 121 18.25 10.51 -7.00
N SER B 122 17.79 9.26 -7.10
CA SER B 122 18.51 8.16 -7.80
C SER B 122 18.06 8.08 -9.25
N MET B 123 17.03 8.85 -9.63
CA MET B 123 16.39 8.79 -10.97
C MET B 123 17.44 9.01 -12.07
N GLU B 124 18.29 10.03 -11.89
CA GLU B 124 19.25 10.50 -12.93
C GLU B 124 20.45 9.53 -13.02
N HIS B 125 20.52 8.50 -12.16
CA HIS B 125 21.68 7.57 -12.04
C HIS B 125 21.22 6.11 -12.14
N PRO B 126 20.83 5.61 -13.33
CA PRO B 126 20.37 4.22 -13.49
C PRO B 126 21.32 3.15 -12.92
N GLY B 127 20.77 2.18 -12.18
CA GLY B 127 21.50 1.03 -11.63
C GLY B 127 22.09 1.33 -10.27
N LYS B 128 22.02 2.59 -9.84
CA LYS B 128 22.72 3.07 -8.63
C LYS B 128 21.74 3.86 -7.76
N LEU B 129 21.99 3.91 -6.45
CA LEU B 129 21.21 4.70 -5.47
C LEU B 129 22.09 5.84 -4.93
N LEU B 130 21.61 7.07 -5.07
CA LEU B 130 22.29 8.29 -4.57
C LEU B 130 21.85 8.52 -3.12
N PHE B 131 22.43 7.78 -2.17
CA PHE B 131 22.18 7.95 -0.71
C PHE B 131 22.54 9.38 -0.29
N ALA B 132 23.54 9.96 -0.97
CA ALA B 132 24.02 11.35 -0.76
C ALA B 132 24.98 11.70 -1.88
N PRO B 133 25.26 12.99 -2.15
CA PRO B 133 26.12 13.39 -3.28
C PRO B 133 27.49 12.69 -3.28
N ASN B 134 28.01 12.30 -2.11
CA ASN B 134 29.33 11.61 -1.96
C ASN B 134 29.14 10.12 -1.64
N LEU B 135 27.91 9.60 -1.76
CA LEU B 135 27.58 8.19 -1.42
C LEU B 135 26.67 7.63 -2.52
N LEU B 136 27.26 6.99 -3.52
CA LEU B 136 26.52 6.47 -4.70
C LEU B 136 26.81 4.98 -4.83
N LEU B 137 25.89 4.13 -4.38
CA LEU B 137 26.06 2.64 -4.31
C LEU B 137 25.38 2.01 -5.52
N ASP B 138 26.06 1.10 -6.21
CA ASP B 138 25.43 0.24 -7.25
C ASP B 138 24.86 -1.01 -6.55
N ARG B 139 24.01 -1.75 -7.25
CA ARG B 139 23.32 -2.99 -6.77
C ARG B 139 24.33 -3.91 -6.06
N ASN B 140 25.51 -4.11 -6.64
CA ASN B 140 26.55 -5.07 -6.18
C ASN B 140 27.10 -4.68 -4.81
N GLN B 141 27.21 -3.38 -4.52
CA GLN B 141 27.67 -2.89 -3.19
C GLN B 141 26.59 -3.14 -2.14
N GLY B 142 25.33 -3.35 -2.56
CA GLY B 142 24.24 -3.84 -1.69
C GLY B 142 24.61 -5.17 -1.04
N LYS B 143 25.25 -6.08 -1.77
CA LYS B 143 25.58 -7.46 -1.31
C LYS B 143 26.54 -7.41 -0.12
N CYS B 144 27.24 -6.30 0.12
CA CYS B 144 28.15 -6.10 1.28
C CYS B 144 27.38 -6.18 2.61
N VAL B 145 26.05 -6.32 2.57
CA VAL B 145 25.17 -6.51 3.77
C VAL B 145 24.17 -7.63 3.47
N GLU B 146 24.16 -8.69 4.31
CA GLU B 146 23.29 -9.89 4.18
C GLU B 146 21.85 -9.39 3.93
N GLY B 147 21.27 -9.79 2.80
CA GLY B 147 19.85 -9.58 2.46
C GLY B 147 19.51 -8.12 2.22
N MET B 148 20.49 -7.27 1.91
CA MET B 148 20.26 -5.83 1.61
C MET B 148 19.95 -5.67 0.12
N VAL B 149 20.49 -6.56 -0.72
CA VAL B 149 20.27 -6.56 -2.20
C VAL B 149 18.76 -6.55 -2.47
N GLU B 150 17.99 -7.32 -1.71
CA GLU B 150 16.52 -7.47 -1.92
C GLU B 150 15.90 -6.06 -1.92
N ILE B 151 16.24 -5.24 -0.93
CA ILE B 151 15.67 -3.87 -0.77
C ILE B 151 16.28 -2.94 -1.84
N PHE B 152 17.57 -3.08 -2.18
CA PHE B 152 18.22 -2.25 -3.24
C PHE B 152 17.47 -2.42 -4.56
N ASP B 153 17.29 -3.66 -4.99
CA ASP B 153 16.61 -4.01 -6.26
C ASP B 153 15.24 -3.35 -6.32
N MET B 154 14.53 -3.28 -5.18
CA MET B 154 13.16 -2.73 -5.11
C MET B 154 13.23 -1.21 -5.29
N LEU B 155 14.12 -0.56 -4.54
CA LEU B 155 14.37 0.91 -4.64
C LEU B 155 14.81 1.24 -6.07
N LEU B 156 15.73 0.45 -6.66
CA LEU B 156 16.19 0.60 -8.07
C LEU B 156 15.00 0.48 -9.03
N ALA B 157 14.17 -0.55 -8.89
CA ALA B 157 12.96 -0.79 -9.70
C ALA B 157 12.04 0.44 -9.63
N THR B 158 11.77 0.96 -8.42
CA THR B 158 10.89 2.13 -8.20
C THR B 158 11.50 3.35 -8.89
N SER B 159 12.84 3.46 -8.86
CA SER B 159 13.63 4.49 -9.57
C SER B 159 13.38 4.36 -11.08
N SER B 160 13.60 3.17 -11.64
CA SER B 160 13.32 2.85 -13.06
C SER B 160 11.91 3.32 -13.43
N ARG B 161 10.95 3.09 -12.53
CA ARG B 161 9.51 3.36 -12.79
C ARG B 161 9.34 4.88 -12.95
N PHE B 162 9.66 5.65 -11.91
CA PHE B 162 9.64 7.14 -11.91
C PHE B 162 10.33 7.70 -13.16
N ARG B 163 11.41 7.07 -13.61
CA ARG B 163 12.19 7.53 -14.77
C ARG B 163 11.31 7.39 -16.01
N MET B 164 10.84 6.18 -16.30
CA MET B 164 9.97 5.86 -17.47
C MET B 164 8.67 6.71 -17.39
N MET B 165 8.17 7.03 -16.19
CA MET B 165 7.00 7.94 -15.98
C MET B 165 7.37 9.38 -16.32
N ASN B 166 8.65 9.75 -16.16
CA ASN B 166 9.14 11.14 -16.30
C ASN B 166 8.54 11.99 -15.16
N LEU B 167 8.58 11.46 -13.93
CA LEU B 167 8.07 12.15 -12.72
C LEU B 167 8.75 13.51 -12.61
N GLN B 168 7.95 14.57 -12.54
CA GLN B 168 8.39 15.98 -12.32
C GLN B 168 8.53 16.25 -10.81
N GLY B 169 9.45 17.13 -10.42
CA GLY B 169 9.71 17.52 -9.03
C GLY B 169 8.48 18.09 -8.34
N GLU B 170 7.56 18.71 -9.07
CA GLU B 170 6.29 19.25 -8.51
C GLU B 170 5.40 18.07 -8.09
N GLU B 171 5.32 17.04 -8.94
CA GLU B 171 4.62 15.77 -8.65
C GLU B 171 5.28 15.10 -7.45
N PHE B 172 6.61 15.07 -7.39
CA PHE B 172 7.38 14.40 -6.32
C PHE B 172 6.97 14.97 -4.96
N VAL B 173 6.93 16.29 -4.82
CA VAL B 173 6.72 16.95 -3.50
C VAL B 173 5.30 16.65 -3.03
N CYS B 174 4.32 16.61 -3.94
CA CYS B 174 2.91 16.25 -3.64
C CYS B 174 2.83 14.82 -3.07
N LEU B 175 3.49 13.85 -3.72
CA LEU B 175 3.53 12.44 -3.26
C LEU B 175 4.12 12.35 -1.86
N LYS B 176 5.27 12.99 -1.61
CA LYS B 176 5.94 13.05 -0.29
C LYS B 176 4.91 13.44 0.76
N SER B 177 4.10 14.46 0.50
CA SER B 177 3.12 15.04 1.46
C SER B 177 1.96 14.07 1.68
N ILE B 178 1.49 13.46 0.59
CA ILE B 178 0.44 12.39 0.66
C ILE B 178 0.96 11.29 1.61
N ILE B 179 2.18 10.79 1.39
CA ILE B 179 2.76 9.67 2.19
C ILE B 179 2.75 10.04 3.67
N LEU B 180 3.10 11.27 4.01
CA LEU B 180 3.16 11.72 5.43
C LEU B 180 1.73 11.69 5.99
N LEU B 181 0.80 12.35 5.30
CA LEU B 181 -0.60 12.54 5.79
C LEU B 181 -1.38 11.21 5.71
N ASN B 182 -1.17 10.39 4.68
CA ASN B 182 -2.02 9.22 4.36
C ASN B 182 -1.66 8.02 5.26
N SER B 183 -0.39 7.80 5.56
CA SER B 183 0.09 6.45 5.95
C SER B 183 -0.20 6.16 7.44
N GLY B 184 -0.45 7.18 8.25
CA GLY B 184 -0.77 7.01 9.67
C GLY B 184 -2.26 7.06 9.94
N VAL B 185 -3.03 7.63 8.99
CA VAL B 185 -4.40 8.20 9.21
C VAL B 185 -5.40 7.09 9.55
N TYR B 186 -5.18 5.86 9.08
CA TYR B 186 -6.10 4.70 9.23
C TYR B 186 -5.93 4.02 10.60
N THR B 187 -5.07 4.55 11.48
CA THR B 187 -4.95 4.11 12.90
C THR B 187 -5.50 5.20 13.84
N PHE B 188 -4.69 6.20 14.21
CA PHE B 188 -5.08 7.31 15.12
C PHE B 188 -5.79 6.76 16.38
N LEU B 189 -7.09 6.41 16.25
CA LEU B 189 -7.94 5.85 17.35
C LEU B 189 -9.39 5.79 16.85
N SER B 190 -9.88 6.90 16.27
CA SER B 190 -11.20 7.00 15.60
C SER B 190 -12.36 6.80 16.60
N SER B 191 -12.26 7.37 17.81
CA SER B 191 -13.23 7.13 18.92
C SER B 191 -13.46 8.38 19.79
N THR B 192 -13.04 9.58 19.37
CA THR B 192 -13.32 10.87 20.07
C THR B 192 -13.56 11.98 19.04
N LEU B 193 -14.29 13.03 19.43
CA LEU B 193 -14.65 14.21 18.59
C LEU B 193 -13.37 14.85 18.04
N LYS B 194 -12.33 14.95 18.86
CA LYS B 194 -11.04 15.62 18.53
C LYS B 194 -10.39 14.88 17.35
N SER B 195 -10.09 13.59 17.55
CA SER B 195 -9.36 12.71 16.59
C SER B 195 -10.13 12.63 15.26
N LEU B 196 -11.47 12.74 15.31
CA LEU B 196 -12.37 12.77 14.12
C LEU B 196 -12.13 14.05 13.30
N GLU B 197 -12.15 15.21 13.97
CA GLU B 197 -11.92 16.55 13.34
C GLU B 197 -10.54 16.56 12.68
N GLU B 198 -9.58 15.83 13.25
CA GLU B 198 -8.17 15.75 12.77
C GLU B 198 -8.07 14.86 11.53
N LYS B 199 -8.67 13.66 11.55
CA LYS B 199 -8.79 12.76 10.37
C LYS B 199 -9.45 13.53 9.23
N ASP B 200 -10.55 14.24 9.52
CA ASP B 200 -11.35 15.02 8.54
C ASP B 200 -10.48 16.13 7.94
N HIS B 201 -9.66 16.79 8.77
CA HIS B 201 -8.73 17.84 8.34
C HIS B 201 -7.67 17.24 7.40
N ILE B 202 -7.07 16.12 7.78
CA ILE B 202 -6.07 15.40 6.95
C ILE B 202 -6.72 15.04 5.60
N HIS B 203 -7.97 14.58 5.60
CA HIS B 203 -8.67 14.14 4.36
C HIS B 203 -8.91 15.37 3.48
N ARG B 204 -9.28 16.50 4.07
CA ARG B 204 -9.50 17.77 3.33
C ARG B 204 -8.20 18.19 2.62
N VAL B 205 -7.04 17.96 3.24
CA VAL B 205 -5.72 18.39 2.71
C VAL B 205 -5.31 17.44 1.57
N LEU B 206 -5.50 16.13 1.75
CA LEU B 206 -5.24 15.12 0.69
C LEU B 206 -6.09 15.47 -0.54
N ASP B 207 -7.34 15.91 -0.34
CA ASP B 207 -8.21 16.40 -1.44
C ASP B 207 -7.54 17.57 -2.16
N LYS B 208 -7.05 18.56 -1.40
CA LYS B 208 -6.33 19.75 -1.92
C LYS B 208 -5.12 19.29 -2.75
N ILE B 209 -4.35 18.31 -2.25
CA ILE B 209 -3.10 17.84 -2.91
C ILE B 209 -3.47 17.09 -4.20
N THR B 210 -4.52 16.28 -4.19
CA THR B 210 -5.11 15.67 -5.41
C THR B 210 -5.39 16.79 -6.43
N ASP B 211 -6.16 17.80 -6.02
CA ASP B 211 -6.49 18.98 -6.85
C ASP B 211 -5.20 19.58 -7.45
N THR B 212 -4.14 19.67 -6.63
CA THR B 212 -2.83 20.27 -7.04
C THR B 212 -2.21 19.41 -8.14
N LEU B 213 -2.07 18.11 -7.89
CA LEU B 213 -1.50 17.11 -8.84
C LEU B 213 -2.19 17.25 -10.21
N ILE B 214 -3.53 17.33 -10.22
CA ILE B 214 -4.31 17.40 -11.49
C ILE B 214 -3.99 18.73 -12.17
N HIS B 215 -3.94 19.82 -11.40
CA HIS B 215 -3.65 21.18 -11.90
C HIS B 215 -2.31 21.18 -12.64
N LEU B 216 -1.28 20.55 -12.05
CA LEU B 216 0.08 20.40 -12.63
C LEU B 216 -0.04 19.65 -13.96
N MET B 217 -0.80 18.57 -13.99
CA MET B 217 -0.95 17.72 -15.20
C MET B 217 -1.72 18.48 -16.28
N ALA B 218 -2.80 19.19 -15.91
CA ALA B 218 -3.59 20.08 -16.80
C ALA B 218 -2.67 21.12 -17.43
N LYS B 219 -1.88 21.81 -16.59
CA LYS B 219 -0.94 22.89 -16.97
C LYS B 219 0.09 22.34 -17.94
N ALA B 220 0.58 21.11 -17.70
CA ALA B 220 1.57 20.42 -18.56
C ALA B 220 0.91 19.97 -19.86
N GLY B 221 -0.41 20.10 -19.97
CA GLY B 221 -1.17 19.94 -21.23
C GLY B 221 -1.56 18.51 -21.53
N LEU B 222 -1.73 17.64 -20.50
CA LEU B 222 -2.32 16.28 -20.66
C LEU B 222 -3.83 16.44 -20.82
N THR B 223 -4.47 15.60 -21.64
CA THR B 223 -5.96 15.48 -21.76
C THR B 223 -6.53 15.06 -20.41
N LEU B 224 -7.85 15.19 -20.23
CA LEU B 224 -8.51 14.76 -18.97
C LEU B 224 -8.23 13.27 -18.73
N GLN B 225 -8.36 12.44 -19.77
CA GLN B 225 -8.10 10.99 -19.66
C GLN B 225 -6.68 10.78 -19.13
N GLN B 226 -5.69 11.43 -19.74
CA GLN B 226 -4.26 11.26 -19.36
C GLN B 226 -4.03 11.76 -17.93
N GLN B 227 -4.79 12.77 -17.49
CA GLN B 227 -4.69 13.33 -16.13
C GLN B 227 -5.10 12.25 -15.14
N HIS B 228 -6.30 11.66 -15.27
CA HIS B 228 -6.79 10.71 -14.25
C HIS B 228 -5.91 9.45 -14.31
N GLN B 229 -5.45 9.07 -15.51
CA GLN B 229 -4.58 7.88 -15.70
C GLN B 229 -3.23 8.12 -15.03
N ARG B 230 -2.65 9.31 -15.14
CA ARG B 230 -1.34 9.62 -14.51
C ARG B 230 -1.51 9.71 -12.99
N LEU B 231 -2.56 10.38 -12.52
CA LEU B 231 -2.88 10.45 -11.08
C LEU B 231 -2.91 9.02 -10.53
N ALA B 232 -3.63 8.12 -11.21
CA ALA B 232 -3.77 6.70 -10.81
C ALA B 232 -2.39 6.02 -10.78
N GLN B 233 -1.57 6.17 -11.83
CA GLN B 233 -0.23 5.53 -11.93
C GLN B 233 0.64 5.96 -10.74
N LEU B 234 0.57 7.24 -10.36
CA LEU B 234 1.37 7.82 -9.24
C LEU B 234 0.94 7.20 -7.91
N LEU B 235 -0.36 7.18 -7.66
CA LEU B 235 -0.91 6.71 -6.36
C LEU B 235 -0.71 5.19 -6.23
N LEU B 236 -0.70 4.46 -7.35
CA LEU B 236 -0.46 2.99 -7.32
C LEU B 236 0.98 2.71 -6.87
N ILE B 237 1.91 3.63 -7.16
CA ILE B 237 3.34 3.46 -6.77
C ILE B 237 3.48 3.63 -5.25
N LEU B 238 2.72 4.55 -4.63
CA LEU B 238 2.67 4.71 -3.15
C LEU B 238 2.42 3.36 -2.47
N SER B 239 1.71 2.45 -3.15
CA SER B 239 1.43 1.09 -2.67
C SER B 239 2.74 0.29 -2.63
N HIS B 240 3.55 0.37 -3.70
CA HIS B 240 4.86 -0.33 -3.78
C HIS B 240 5.79 0.25 -2.73
N ILE B 241 5.64 1.53 -2.41
CA ILE B 241 6.53 2.25 -1.47
C ILE B 241 6.19 1.82 -0.05
N ARG B 242 4.89 1.64 0.24
CA ARG B 242 4.43 1.07 1.54
C ARG B 242 4.99 -0.36 1.70
N HIS B 243 4.97 -1.16 0.63
CA HIS B 243 5.49 -2.56 0.62
C HIS B 243 7.00 -2.54 0.87
N MET B 244 7.74 -1.76 0.07
CA MET B 244 9.20 -1.56 0.16
C MET B 244 9.58 -1.18 1.60
N SER B 245 8.79 -0.30 2.22
CA SER B 245 9.01 0.16 3.62
C SER B 245 8.92 -1.02 4.57
N ASN B 246 7.81 -1.77 4.52
CA ASN B 246 7.56 -2.88 5.47
C ASN B 246 8.70 -3.90 5.34
N LYS B 247 9.15 -4.20 4.12
CA LYS B 247 10.28 -5.14 3.86
C LYS B 247 11.56 -4.54 4.47
N GLY B 248 11.85 -3.28 4.13
CA GLY B 248 12.96 -2.52 4.74
C GLY B 248 12.92 -2.60 6.24
N MET B 249 11.75 -2.38 6.84
CA MET B 249 11.61 -2.37 8.32
C MET B 249 11.95 -3.76 8.87
N GLU B 250 11.50 -4.83 8.20
CA GLU B 250 11.76 -6.24 8.58
C GLU B 250 13.28 -6.48 8.52
N HIS B 251 13.95 -5.85 7.55
CA HIS B 251 15.41 -5.99 7.33
C HIS B 251 16.19 -5.27 8.44
N LEU B 252 15.83 -4.02 8.73
CA LEU B 252 16.46 -3.20 9.80
C LEU B 252 16.37 -3.95 11.14
N TYR B 253 15.26 -4.62 11.42
CA TYR B 253 15.05 -5.38 12.68
C TYR B 253 16.07 -6.51 12.76
N SER B 254 16.25 -7.23 11.66
CA SER B 254 17.11 -8.45 11.58
C SER B 254 18.59 -8.06 11.75
N MET B 255 18.94 -6.79 11.50
CA MET B 255 20.32 -6.24 11.59
C MET B 255 20.68 -5.90 13.04
N LYS B 256 19.73 -5.38 13.83
CA LYS B 256 19.90 -5.29 15.31
C LYS B 256 19.99 -6.73 15.84
N CYS B 257 21.18 -7.36 15.77
CA CYS B 257 21.46 -8.77 16.17
C CYS B 257 22.97 -9.04 16.14
C4 OGJ C . -7.29 -15.59 8.13
C14 OGJ C . -6.28 -16.35 7.33
C11 OGJ C . -10.95 -15.70 4.93
C7 OGJ C . -9.35 -15.39 6.71
C8 OGJ C . -9.02 -14.15 6.28
C9 OGJ C . -9.69 -13.66 5.11
C10 OGJ C . -10.65 -14.44 4.45
C12 OGJ C . -10.31 -16.19 6.05
C3 OGJ C . -7.09 -14.10 7.91
C1 OGJ C . -7.72 -11.91 6.72
C2 OGJ C . -8.00 -13.38 7.03
O6 OGJ C . -8.72 -16.01 7.90
O13 OGJ C . -11.33 -14.00 3.31
C15 OGJ C . -5.80 -15.92 6.09
C16 OGJ C . -4.85 -16.66 5.40
C17 OGJ C . -4.35 -17.85 5.93
C18 OGJ C . -4.83 -18.26 7.16
C19 OGJ C . -5.79 -17.52 7.85
O20 OGJ C . -3.35 -18.56 5.21
C21 OGJ C . -3.39 -19.97 5.20
C22 OGJ C . -2.32 -20.50 4.24
N23 OGJ C . -2.70 -20.64 3.20
C24 OGJ C . -1.74 -21.24 2.31
C25 OGJ C . -1.86 -20.14 1.43
C26 OGJ C . -2.68 -19.47 2.37
C27 OGJ C . -0.55 -19.41 1.18
F28 OGJ C . 0.31 -20.27 0.53
C29 OGJ C . -5.88 -13.52 8.65
C30 OGJ C . -4.66 -13.35 8.00
C31 OGJ C . -3.56 -12.87 8.70
C32 OGJ C . -3.66 -12.57 10.04
C33 OGJ C . -4.87 -12.75 10.69
C34 OGJ C . -5.98 -13.24 10.00
O35 OGJ C . -4.98 -12.44 12.04
H1 OGJ C . -7.08 -15.78 9.19
H2 OGJ C . -11.69 -16.30 4.41
H3 OGJ C . -9.46 -12.67 4.72
H4 OGJ C . -10.55 -17.17 6.41
H6 OGJ C . -8.65 -11.41 6.45
H7 OGJ C . -7.00 -11.84 5.90
H8 OGJ C . -7.30 -11.42 7.61
H11 OGJ C . -6.17 -15.00 5.65
H12 OGJ C . -4.48 -16.30 4.45
H13 OGJ C . -4.46 -19.18 7.60
H14 OGJ C . -6.14 -17.88 8.81
H15 OGJ C . -4.38 -20.32 4.90
H16 OGJ C . -3.17 -20.34 6.21
H17 OGJ C . -2.00 -21.48 4.62
H18 OGJ C . -1.44 -19.84 4.27
H20 OGJ C . -0.74 -21.33 2.74
H21 OGJ C . -2.11 -22.17 1.87
H22 OGJ C . -2.38 -20.43 0.52
H23 OGJ C . -2.18 -18.62 2.84
H24 OGJ C . -3.68 -19.24 1.98
H25 OGJ C . -0.09 -19.11 2.13
H26 OGJ C . -0.73 -18.54 0.55
H27 OGJ C . -4.56 -13.60 6.94
H28 OGJ C . -2.61 -12.73 8.18
H29 OGJ C . -2.80 -12.18 10.57
H30 OGJ C . -6.93 -13.37 10.52
C4 OGJ D . 19.31 2.74 5.10
C14 OGJ D . 18.86 3.00 6.50
C11 OGJ D . 19.16 7.46 3.71
C7 OGJ D . 19.34 5.05 4.04
C8 OGJ D . 18.19 4.82 3.35
C9 OGJ D . 17.49 5.95 2.81
C10 OGJ D . 17.98 7.25 2.99
C12 OGJ D . 19.85 6.37 4.23
C3 OGJ D . 18.11 2.47 4.23
C1 OGJ D . 17.01 2.93 1.94
C2 OGJ D . 17.72 3.42 3.20
O6 OGJ D . 20.12 3.93 4.61
O13 OGJ D . 17.31 8.36 2.49
C15 OGJ D . 17.78 3.81 6.77
C16 OGJ D . 17.40 4.03 8.09
C17 OGJ D . 18.09 3.46 9.14
C18 OGJ D . 19.18 2.65 8.86
C19 OGJ D . 19.57 2.43 7.55
O20 OGJ D . 17.62 3.76 10.43
C21 OGJ D . 18.14 3.12 11.58
C22 OGJ D . 18.00 4.08 12.77
N23 OGJ D . 17.28 4.90 12.55
C24 OGJ D . 17.31 6.00 13.47
C25 OGJ D . 16.05 5.62 13.99
C26 OGJ D . 15.94 4.66 12.95
C27 OGJ D . 16.14 5.01 15.39
F28 OGJ D . 16.16 5.97 16.35
C29 OGJ D . 17.65 1.01 4.29
C30 OGJ D . 16.50 0.69 5.00
C31 OGJ D . 16.11 -0.64 5.09
C32 OGJ D . 16.86 -1.63 4.46
C33 OGJ D . 18.01 -1.30 3.77
C34 OGJ D . 18.41 0.03 3.68
O35 OGJ D . 18.76 -2.30 3.14
H1 OGJ D . 19.96 1.87 5.09
H2 OGJ D . 19.55 8.47 3.85
H3 OGJ D . 16.57 5.81 2.26
H4 OGJ D . 20.76 6.52 4.78
H6 OGJ D . 16.33 3.70 1.57
H7 OGJ D . 16.42 2.03 2.16
H8 OGJ D . 17.76 2.68 1.18
H11 OGJ D . 17.22 4.28 5.97
H12 OGJ D . 16.55 4.67 8.30
H13 OGJ D . 19.76 2.18 9.66
H14 OGJ D . 20.42 1.80 7.35
H15 OGJ D . 19.20 2.88 11.45
H16 OGJ D . 17.57 2.20 11.77
H17 OGJ D . 19.00 4.51 12.95
H18 OGJ D . 17.72 3.49 13.65
H20 OGJ D . 18.10 5.94 14.21
H21 OGJ D . 17.26 6.97 12.95
H22 OGJ D . 15.31 6.43 13.90
H23 OGJ D . 15.74 3.65 13.32
H24 OGJ D . 15.22 4.98 12.17
H25 OGJ D . 17.06 4.41 15.48
H26 OGJ D . 15.28 4.36 15.55
H27 OGJ D . 15.92 1.46 5.49
H28 OGJ D . 15.20 -0.90 5.62
H29 OGJ D . 16.54 -2.66 4.53
H30 OGJ D . 19.31 0.29 3.15
#